data_2G2H
#
_entry.id   2G2H
#
_cell.length_a   104.386
_cell.length_b   131.487
_cell.length_c   56.499
_cell.angle_alpha   90.00
_cell.angle_beta   90.00
_cell.angle_gamma   90.00
#
_symmetry.space_group_name_H-M   'P 21 21 2'
#
loop_
_entity.id
_entity.type
_entity.pdbx_description
1 polymer 'Abl Tyrosine'
2 non-polymer 6-(2,6-DICHLOROPHENYL)-2-{[3-(HYDROXYMETHYL)PHENYL]AMINO}-8-METHYLPYRIDO[2,3-D]PYRIMIDIN-7(8H)-ONE
3 water water
#
_entity_poly.entity_id   1
_entity_poly.type   'polypeptide(L)'
_entity_poly.pdbx_seq_one_letter_code
;GHMSPNYDKWEMERTDITMKHKLGGGQYGEVYEGVWKKYSLTVAVKTLKEDTMEVEEFLKEAAVMKEIKHPNLVQLLGVC
TREPPFYIITEFMTYGNLLDYLRECNRQEVNAVVLLYMATQISSAMEYLEKKNFIHRDLAARNCLVGENHLVKVADFGLS
RLMTGDTYTAPAGAKFPIKWTAPESLAYNKFSIKSDVWAFGVLLWEIATYGMSPYPGIDLSQVYELLEKDYRMERPEGCP
EKVYELMRACWQWNPSDRPSFAEIHQAFETMFQESSISDEVEKELGK
;
_entity_poly.pdbx_strand_id   A,B
#
loop_
_chem_comp.id
_chem_comp.type
_chem_comp.name
_chem_comp.formula
P16 non-polymer 6-(2,6-DICHLOROPHENYL)-2-{[3-(HYDROXYMETHYL)PHENYL]AMINO}-8-METHYLPYRIDO[2,3-D]PYRIMIDIN-7(8H)-ONE 'C21 H16 Cl2 N4 O2'
#
# COMPACT_ATOMS: atom_id res chain seq x y z
N ASP A 8 -2.55 -13.73 -19.24
CA ASP A 8 -1.57 -12.64 -18.92
C ASP A 8 -0.24 -12.90 -19.64
N LYS A 9 -0.02 -12.19 -20.74
CA LYS A 9 1.19 -12.35 -21.53
C LYS A 9 2.47 -11.98 -20.76
N TRP A 10 2.30 -11.30 -19.62
CA TRP A 10 3.44 -10.89 -18.80
C TRP A 10 3.81 -11.97 -17.79
N GLU A 11 2.83 -12.81 -17.45
CA GLU A 11 3.03 -13.87 -16.47
C GLU A 11 4.02 -14.93 -16.94
N MET A 12 4.91 -15.32 -16.05
CA MET A 12 5.89 -16.34 -16.35
C MET A 12 6.07 -17.21 -15.11
N GLU A 13 6.55 -18.44 -15.30
CA GLU A 13 6.76 -19.33 -14.18
C GLU A 13 8.02 -18.92 -13.43
N ARG A 14 8.01 -19.04 -12.11
CA ARG A 14 9.16 -18.67 -11.29
C ARG A 14 10.40 -19.41 -11.77
N THR A 15 10.20 -20.65 -12.22
CA THR A 15 11.30 -21.49 -12.69
C THR A 15 11.90 -21.01 -14.01
N ASP A 16 11.33 -19.97 -14.62
CA ASP A 16 11.89 -19.45 -15.87
C ASP A 16 13.11 -18.59 -15.55
N ILE A 17 13.23 -18.22 -14.27
CA ILE A 17 14.33 -17.38 -13.81
C ILE A 17 15.15 -18.06 -12.73
N THR A 18 16.46 -17.79 -12.72
CA THR A 18 17.35 -18.31 -11.71
C THR A 18 18.10 -17.11 -11.12
N MET A 19 18.22 -17.07 -9.80
CA MET A 19 18.92 -15.96 -9.12
C MET A 19 20.42 -16.20 -9.14
N LYS A 20 21.18 -15.14 -9.40
CA LYS A 20 22.62 -15.25 -9.48
C LYS A 20 23.32 -14.54 -8.33
N HIS A 21 23.00 -13.26 -8.12
CA HIS A 21 23.59 -12.45 -7.04
C HIS A 21 22.56 -11.49 -6.45
N LYS A 22 22.79 -11.06 -5.22
CA LYS A 22 21.88 -10.08 -4.61
C LYS A 22 22.38 -8.69 -5.03
N LEU A 23 21.45 -7.75 -5.18
CA LEU A 23 21.79 -6.38 -5.62
C LEU A 23 21.41 -5.27 -4.64
N GLY A 24 22.00 -4.09 -4.87
CA GLY A 24 21.71 -2.92 -4.06
C GLY A 24 22.09 -2.93 -2.59
N GLY A 25 22.68 -4.02 -2.12
CA GLY A 25 23.05 -4.10 -0.72
C GLY A 25 21.84 -4.03 0.18
N GLY A 26 20.65 -4.13 -0.43
CA GLY A 26 19.42 -4.08 0.34
C GLY A 26 18.72 -2.74 0.34
N GLN A 27 19.32 -1.73 -0.26
CA GLN A 27 18.70 -0.39 -0.29
C GLN A 27 17.46 -0.35 -1.17
N TYR A 28 17.28 -1.34 -2.03
CA TYR A 28 16.10 -1.38 -2.91
C TYR A 28 15.18 -2.52 -2.52
N GLY A 29 15.41 -3.10 -1.35
CA GLY A 29 14.60 -4.21 -0.89
C GLY A 29 15.25 -5.50 -1.33
N GLU A 30 14.46 -6.54 -1.56
CA GLU A 30 15.00 -7.83 -1.99
C GLU A 30 15.11 -7.86 -3.51
N VAL A 31 16.24 -7.39 -4.03
CA VAL A 31 16.47 -7.36 -5.46
C VAL A 31 17.67 -8.22 -5.81
N TYR A 32 17.55 -8.96 -6.92
CA TYR A 32 18.63 -9.84 -7.35
C TYR A 32 18.95 -9.69 -8.82
N GLU A 33 20.16 -10.10 -9.20
CA GLU A 33 20.56 -10.09 -10.58
C GLU A 33 20.27 -11.55 -10.90
N GLY A 34 19.42 -11.79 -11.91
CA GLY A 34 19.11 -13.16 -12.26
C GLY A 34 19.31 -13.44 -13.73
N VAL A 35 18.93 -14.64 -14.14
CA VAL A 35 19.05 -15.03 -15.53
C VAL A 35 17.70 -15.54 -16.04
N TRP A 36 17.24 -15.04 -17.19
CA TRP A 36 16.00 -15.48 -17.78
C TRP A 36 16.53 -16.61 -18.67
N LYS A 37 16.52 -17.82 -18.12
CA LYS A 37 17.07 -19.02 -18.78
C LYS A 37 16.92 -19.14 -20.28
N LYS A 38 15.69 -19.12 -20.77
CA LYS A 38 15.41 -19.26 -22.20
C LYS A 38 16.27 -18.35 -23.08
N TYR A 39 16.45 -17.10 -22.66
CA TYR A 39 17.21 -16.17 -23.47
C TYR A 39 18.65 -15.94 -23.00
N SER A 40 19.09 -16.69 -21.99
CA SER A 40 20.44 -16.52 -21.47
C SER A 40 20.62 -15.02 -21.20
N LEU A 41 19.54 -14.37 -20.79
CA LEU A 41 19.55 -12.94 -20.52
C LEU A 41 19.64 -12.57 -19.05
N THR A 42 20.56 -11.68 -18.71
CA THR A 42 20.73 -11.21 -17.34
C THR A 42 19.60 -10.23 -17.08
N VAL A 43 18.90 -10.40 -15.96
CA VAL A 43 17.78 -9.53 -15.61
C VAL A 43 17.85 -9.14 -14.14
N ALA A 44 17.02 -8.18 -13.75
CA ALA A 44 16.94 -7.77 -12.36
C ALA A 44 15.61 -8.34 -11.87
N VAL A 45 15.60 -8.86 -10.65
CA VAL A 45 14.39 -9.46 -10.09
C VAL A 45 14.09 -8.92 -8.70
N LYS A 46 12.91 -8.32 -8.54
CA LYS A 46 12.49 -7.80 -7.25
C LYS A 46 11.45 -8.73 -6.65
N THR A 47 11.69 -9.13 -5.41
CA THR A 47 10.79 -10.03 -4.70
C THR A 47 10.19 -9.27 -3.53
N LEU A 48 8.96 -9.62 -3.15
CA LEU A 48 8.31 -8.94 -2.04
C LEU A 48 8.86 -9.35 -0.69
N LYS A 49 9.43 -8.38 0.02
CA LYS A 49 10.02 -8.59 1.33
C LYS A 49 8.90 -8.67 2.37
N GLU A 50 8.63 -9.88 2.85
CA GLU A 50 7.58 -10.10 3.84
C GLU A 50 7.66 -9.11 5.00
N ASP A 51 6.50 -8.60 5.40
CA ASP A 51 6.40 -7.65 6.51
C ASP A 51 6.78 -6.22 6.14
N THR A 52 7.04 -5.96 4.86
CA THR A 52 7.41 -4.62 4.42
C THR A 52 6.22 -3.98 3.68
N MET A 53 6.32 -3.86 2.37
CA MET A 53 5.23 -3.26 1.58
C MET A 53 4.07 -4.26 1.48
N GLU A 54 2.84 -3.75 1.51
CA GLU A 54 1.65 -4.58 1.42
C GLU A 54 1.64 -5.26 0.05
N VAL A 55 1.20 -6.52 0.01
CA VAL A 55 1.17 -7.27 -1.25
C VAL A 55 0.38 -6.61 -2.37
N GLU A 56 -0.80 -6.08 -2.06
CA GLU A 56 -1.62 -5.46 -3.10
C GLU A 56 -0.94 -4.23 -3.71
N GLU A 57 -0.17 -3.49 -2.92
CA GLU A 57 0.53 -2.31 -3.45
C GLU A 57 1.66 -2.78 -4.37
N PHE A 58 2.32 -3.85 -3.97
CA PHE A 58 3.40 -4.43 -4.75
C PHE A 58 2.85 -4.85 -6.10
N LEU A 59 1.69 -5.53 -6.09
CA LEU A 59 1.08 -6.00 -7.33
C LEU A 59 0.59 -4.85 -8.19
N LYS A 60 0.16 -3.74 -7.57
CA LYS A 60 -0.28 -2.62 -8.37
C LYS A 60 0.93 -1.98 -9.08
N GLU A 61 2.08 -1.95 -8.42
CA GLU A 61 3.28 -1.39 -9.07
C GLU A 61 3.55 -2.22 -10.32
N ALA A 62 3.41 -3.53 -10.19
CA ALA A 62 3.63 -4.43 -11.32
C ALA A 62 2.64 -4.11 -12.44
N ALA A 63 1.38 -3.85 -12.09
CA ALA A 63 0.37 -3.51 -13.08
C ALA A 63 0.74 -2.22 -13.80
N VAL A 64 1.20 -1.23 -13.05
CA VAL A 64 1.59 0.06 -13.63
C VAL A 64 2.76 -0.11 -14.60
N MET A 65 3.75 -0.91 -14.22
CA MET A 65 4.92 -1.11 -15.08
C MET A 65 4.56 -1.75 -16.43
N LYS A 66 3.48 -2.51 -16.48
CA LYS A 66 3.09 -3.15 -17.74
C LYS A 66 2.72 -2.08 -18.76
N GLU A 67 2.37 -0.89 -18.27
CA GLU A 67 1.96 0.22 -19.13
C GLU A 67 3.09 1.17 -19.47
N ILE A 68 4.27 0.95 -18.89
CA ILE A 68 5.41 1.82 -19.13
C ILE A 68 6.30 1.30 -20.24
N LYS A 69 6.53 2.15 -21.24
CA LYS A 69 7.39 1.81 -22.37
C LYS A 69 8.07 3.08 -22.85
N HIS A 70 9.29 3.30 -22.37
CA HIS A 70 10.04 4.49 -22.73
C HIS A 70 11.53 4.14 -22.62
N PRO A 71 12.36 4.66 -23.53
CA PRO A 71 13.79 4.35 -23.50
C PRO A 71 14.51 4.74 -22.21
N ASN A 72 13.94 5.66 -21.44
CA ASN A 72 14.59 6.07 -20.20
C ASN A 72 13.87 5.69 -18.92
N LEU A 73 13.05 4.65 -19.01
CA LEU A 73 12.36 4.10 -17.86
C LEU A 73 12.65 2.60 -17.87
N VAL A 74 13.06 2.06 -16.73
CA VAL A 74 13.41 0.65 -16.64
C VAL A 74 12.26 -0.20 -17.23
N GLN A 75 12.61 -1.07 -18.16
CA GLN A 75 11.63 -1.91 -18.85
C GLN A 75 11.25 -3.20 -18.14
N LEU A 76 9.94 -3.41 -17.97
CA LEU A 76 9.43 -4.62 -17.35
C LEU A 76 9.57 -5.75 -18.38
N LEU A 77 9.92 -6.93 -17.91
CA LEU A 77 10.07 -8.08 -18.81
C LEU A 77 9.07 -9.19 -18.46
N GLY A 78 8.68 -9.24 -17.20
CA GLY A 78 7.73 -10.26 -16.77
C GLY A 78 7.40 -10.18 -15.29
N VAL A 79 6.40 -10.93 -14.88
CA VAL A 79 5.98 -10.97 -13.48
C VAL A 79 5.53 -12.36 -13.05
N CYS A 80 5.65 -12.65 -11.76
CA CYS A 80 5.21 -13.91 -11.19
C CYS A 80 4.25 -13.45 -10.10
N THR A 81 2.95 -13.51 -10.40
CA THR A 81 1.94 -13.03 -9.47
C THR A 81 0.90 -14.06 -9.03
N ARG A 82 0.93 -15.25 -9.61
CA ARG A 82 -0.03 -16.30 -9.27
C ARG A 82 0.02 -16.62 -7.78
N GLU A 83 1.21 -17.01 -7.31
CA GLU A 83 1.41 -17.37 -5.92
C GLU A 83 2.76 -16.89 -5.43
N PRO A 84 2.94 -16.79 -4.11
CA PRO A 84 4.22 -16.34 -3.55
C PRO A 84 5.31 -17.36 -3.86
N PRO A 85 6.57 -16.90 -3.99
CA PRO A 85 7.01 -15.51 -3.86
C PRO A 85 6.68 -14.74 -5.14
N PHE A 86 6.24 -13.50 -4.97
CA PHE A 86 5.90 -12.66 -6.11
C PHE A 86 7.16 -12.03 -6.68
N TYR A 87 7.25 -12.01 -8.00
CA TYR A 87 8.42 -11.43 -8.68
C TYR A 87 8.06 -10.40 -9.72
N ILE A 88 8.94 -9.42 -9.89
CA ILE A 88 8.81 -8.39 -10.88
C ILE A 88 10.18 -8.49 -11.55
N ILE A 89 10.19 -8.85 -12.83
CA ILE A 89 11.41 -9.01 -13.61
C ILE A 89 11.58 -7.87 -14.62
N THR A 90 12.75 -7.23 -14.60
CA THR A 90 13.03 -6.12 -15.50
C THR A 90 14.42 -6.26 -16.12
N GLU A 91 14.72 -5.39 -17.08
CA GLU A 91 16.05 -5.38 -17.71
C GLU A 91 17.06 -5.02 -16.63
N PHE A 92 18.29 -5.47 -16.81
CA PHE A 92 19.36 -5.22 -15.85
C PHE A 92 20.28 -4.08 -16.32
N MET A 93 20.51 -3.10 -15.46
CA MET A 93 21.38 -1.96 -15.78
C MET A 93 22.75 -2.25 -15.16
N THR A 94 23.76 -2.35 -16.01
CA THR A 94 25.13 -2.69 -15.56
C THR A 94 25.82 -1.89 -14.48
N TYR A 95 25.72 -0.56 -14.55
CA TYR A 95 26.43 0.26 -13.57
C TYR A 95 25.78 0.72 -12.25
N GLY A 96 24.60 0.21 -11.93
CA GLY A 96 23.99 0.59 -10.68
C GLY A 96 23.35 1.97 -10.69
N ASN A 97 23.17 2.56 -9.51
CA ASN A 97 22.52 3.86 -9.44
C ASN A 97 23.42 5.05 -9.78
N LEU A 98 22.78 6.09 -10.28
CA LEU A 98 23.44 7.31 -10.71
C LEU A 98 24.24 8.02 -9.61
N LEU A 99 23.78 7.94 -8.37
CA LEU A 99 24.49 8.61 -7.28
C LEU A 99 25.90 8.03 -7.14
N ASP A 100 25.99 6.72 -6.97
CA ASP A 100 27.30 6.08 -6.84
C ASP A 100 28.12 6.25 -8.10
N TYR A 101 27.46 6.17 -9.25
CA TYR A 101 28.14 6.33 -10.54
C TYR A 101 28.87 7.69 -10.59
N LEU A 102 28.14 8.76 -10.31
CA LEU A 102 28.72 10.11 -10.33
C LEU A 102 29.84 10.28 -9.32
N ARG A 103 29.67 9.72 -8.13
CA ARG A 103 30.68 9.84 -7.10
C ARG A 103 31.98 9.10 -7.42
N GLU A 104 31.89 8.01 -8.17
CA GLU A 104 33.06 7.20 -8.47
C GLU A 104 33.61 7.32 -9.89
N CYS A 105 32.94 8.09 -10.75
CA CYS A 105 33.37 8.20 -12.14
C CYS A 105 34.64 8.99 -12.40
N ASN A 106 35.11 8.87 -13.64
CA ASN A 106 36.26 9.60 -14.14
C ASN A 106 35.61 10.84 -14.73
N ARG A 107 35.75 11.98 -14.06
CA ARG A 107 35.12 13.21 -14.51
C ARG A 107 35.60 13.74 -15.86
N GLN A 108 36.72 13.23 -16.37
CA GLN A 108 37.21 13.67 -17.66
C GLN A 108 36.35 13.00 -18.73
N GLU A 109 35.81 11.82 -18.40
CA GLU A 109 34.94 11.09 -19.30
C GLU A 109 33.51 11.61 -19.09
N VAL A 110 33.08 11.61 -17.84
CA VAL A 110 31.75 12.10 -17.51
C VAL A 110 31.89 13.59 -17.33
N ASN A 111 32.02 14.28 -18.44
CA ASN A 111 32.22 15.72 -18.42
C ASN A 111 30.91 16.50 -18.58
N ALA A 112 31.05 17.80 -18.81
CA ALA A 112 29.89 18.68 -18.98
C ALA A 112 28.79 18.23 -19.96
N VAL A 113 29.16 17.82 -21.17
CA VAL A 113 28.16 17.40 -22.12
C VAL A 113 27.47 16.12 -21.68
N VAL A 114 28.19 15.26 -20.95
CA VAL A 114 27.60 14.02 -20.48
C VAL A 114 26.56 14.33 -19.39
N LEU A 115 26.88 15.27 -18.49
CA LEU A 115 25.93 15.62 -17.44
C LEU A 115 24.65 16.16 -18.08
N LEU A 116 24.82 16.93 -19.15
CA LEU A 116 23.69 17.51 -19.88
C LEU A 116 22.90 16.37 -20.55
N TYR A 117 23.63 15.41 -21.10
CA TYR A 117 23.01 14.26 -21.75
C TYR A 117 22.16 13.47 -20.74
N MET A 118 22.70 13.28 -19.53
CA MET A 118 21.98 12.54 -18.49
C MET A 118 20.71 13.27 -18.04
N ALA A 119 20.80 14.58 -17.87
CA ALA A 119 19.65 15.37 -17.46
C ALA A 119 18.57 15.33 -18.54
N THR A 120 19.00 15.35 -19.79
CA THR A 120 18.05 15.30 -20.90
C THR A 120 17.28 13.99 -20.90
N GLN A 121 17.98 12.89 -20.63
CA GLN A 121 17.34 11.57 -20.62
C GLN A 121 16.34 11.46 -19.48
N ILE A 122 16.72 11.96 -18.30
CA ILE A 122 15.83 11.90 -17.16
C ILE A 122 14.59 12.78 -17.39
N SER A 123 14.79 13.96 -17.95
CA SER A 123 13.65 14.84 -18.21
C SER A 123 12.70 14.21 -19.23
N SER A 124 13.24 13.42 -20.15
CA SER A 124 12.42 12.75 -21.15
C SER A 124 11.52 11.74 -20.46
N ALA A 125 12.09 10.98 -19.53
CA ALA A 125 11.32 9.98 -18.79
C ALA A 125 10.21 10.67 -18.00
N MET A 126 10.56 11.75 -17.33
CA MET A 126 9.56 12.47 -16.55
C MET A 126 8.47 13.08 -17.42
N GLU A 127 8.83 13.55 -18.61
CA GLU A 127 7.82 14.12 -19.51
C GLU A 127 6.85 13.01 -19.87
N TYR A 128 7.36 11.80 -20.05
CA TYR A 128 6.52 10.65 -20.38
C TYR A 128 5.53 10.35 -19.24
N LEU A 129 6.02 10.34 -18.00
CA LEU A 129 5.17 10.09 -16.85
C LEU A 129 4.08 11.16 -16.72
N GLU A 130 4.47 12.41 -16.98
CA GLU A 130 3.57 13.54 -16.92
C GLU A 130 2.41 13.36 -17.90
N LYS A 131 2.72 12.84 -19.09
CA LYS A 131 1.70 12.62 -20.10
C LYS A 131 0.84 11.39 -19.84
N LYS A 132 1.36 10.44 -19.05
CA LYS A 132 0.66 9.19 -18.75
C LYS A 132 -0.02 9.11 -17.38
N ASN A 133 -0.18 10.26 -16.73
CA ASN A 133 -0.82 10.31 -15.41
C ASN A 133 -0.14 9.50 -14.31
N PHE A 134 1.18 9.67 -14.19
CA PHE A 134 1.95 9.00 -13.17
C PHE A 134 2.86 10.01 -12.50
N ILE A 135 3.23 9.75 -11.24
CA ILE A 135 4.18 10.58 -10.51
C ILE A 135 5.15 9.57 -9.90
N HIS A 136 6.36 10.01 -9.61
CA HIS A 136 7.35 9.15 -8.99
C HIS A 136 7.46 9.60 -7.55
N ARG A 137 7.28 8.68 -6.61
CA ARG A 137 7.32 9.02 -5.20
C ARG A 137 8.69 9.43 -4.65
N ASP A 138 9.77 9.13 -5.37
CA ASP A 138 11.09 9.49 -4.87
C ASP A 138 12.11 9.69 -5.99
N LEU A 139 11.94 10.78 -6.73
CA LEU A 139 12.84 11.11 -7.81
C LEU A 139 14.14 11.67 -7.20
N ALA A 140 15.24 10.95 -7.43
CA ALA A 140 16.54 11.32 -6.90
C ALA A 140 17.57 10.46 -7.62
N ALA A 141 18.83 10.87 -7.56
CA ALA A 141 19.91 10.14 -8.21
C ALA A 141 19.95 8.68 -7.78
N ARG A 142 19.62 8.42 -6.51
CA ARG A 142 19.64 7.04 -5.98
C ARG A 142 18.66 6.15 -6.73
N ASN A 143 17.62 6.74 -7.33
CA ASN A 143 16.64 5.95 -8.06
C ASN A 143 16.73 6.01 -9.57
N CYS A 144 17.90 6.40 -10.06
CA CYS A 144 18.17 6.43 -11.50
C CYS A 144 19.26 5.38 -11.71
N LEU A 145 19.10 4.56 -12.74
CA LEU A 145 20.08 3.52 -13.01
C LEU A 145 20.90 3.85 -14.25
N VAL A 146 22.14 3.38 -14.26
CA VAL A 146 23.04 3.67 -15.38
C VAL A 146 23.48 2.43 -16.15
N GLY A 147 23.49 2.56 -17.47
CA GLY A 147 23.92 1.48 -18.33
C GLY A 147 25.12 1.92 -19.15
N GLU A 148 25.54 1.12 -20.12
CA GLU A 148 26.69 1.48 -20.93
C GLU A 148 26.44 2.76 -21.72
N ASN A 149 27.53 3.47 -22.02
CA ASN A 149 27.46 4.69 -22.80
C ASN A 149 26.62 5.81 -22.18
N HIS A 150 26.69 5.91 -20.86
CA HIS A 150 25.98 6.94 -20.11
C HIS A 150 24.48 6.92 -20.31
N LEU A 151 23.94 5.72 -20.54
CA LEU A 151 22.50 5.56 -20.67
C LEU A 151 21.93 5.65 -19.25
N VAL A 152 20.90 6.45 -19.05
CA VAL A 152 20.29 6.59 -17.74
C VAL A 152 18.80 6.26 -17.83
N LYS A 153 18.32 5.46 -16.89
CA LYS A 153 16.90 5.12 -16.86
C LYS A 153 16.38 5.33 -15.45
N VAL A 154 15.20 5.93 -15.36
CA VAL A 154 14.61 6.15 -14.06
C VAL A 154 13.97 4.83 -13.60
N ALA A 155 14.20 4.47 -12.35
CA ALA A 155 13.61 3.26 -11.77
C ALA A 155 12.12 3.57 -11.65
N ASP A 156 11.27 2.60 -11.96
CA ASP A 156 9.85 2.86 -11.91
C ASP A 156 8.99 2.08 -10.92
N PHE A 157 9.60 1.53 -9.87
CA PHE A 157 8.82 0.81 -8.87
C PHE A 157 8.07 1.83 -8.02
N GLY A 158 8.66 3.01 -7.85
CA GLY A 158 8.02 4.05 -7.04
C GLY A 158 6.97 4.90 -7.75
N LEU A 159 6.31 4.34 -8.76
CA LEU A 159 5.29 5.09 -9.50
C LEU A 159 3.89 4.95 -8.88
N SER A 160 3.14 6.05 -8.88
CA SER A 160 1.79 6.05 -8.36
C SER A 160 0.89 6.62 -9.45
N ARG A 161 -0.35 6.16 -9.51
CA ARG A 161 -1.30 6.65 -10.50
C ARG A 161 -1.95 7.91 -9.94
N LEU A 162 -1.85 9.00 -10.69
CA LEU A 162 -2.41 10.28 -10.27
C LEU A 162 -2.64 11.09 -11.53
N MET A 163 -3.88 11.52 -11.75
CA MET A 163 -4.20 12.31 -12.93
C MET A 163 -3.30 13.54 -12.89
N THR A 164 -2.63 13.81 -14.01
CA THR A 164 -1.71 14.94 -14.10
C THR A 164 -2.36 16.28 -13.78
N GLY A 165 -1.80 16.97 -12.79
CA GLY A 165 -2.34 18.25 -12.39
C GLY A 165 -3.04 18.13 -11.05
N ASP A 166 -3.46 16.92 -10.71
CA ASP A 166 -4.15 16.69 -9.44
C ASP A 166 -3.17 16.44 -8.31
N THR A 167 -3.65 16.58 -7.09
CA THR A 167 -2.84 16.41 -5.90
C THR A 167 -3.41 15.32 -5.01
N TYR A 168 -2.54 14.61 -4.30
CA TYR A 168 -3.00 13.60 -3.37
C TYR A 168 -2.37 13.92 -2.03
N THR A 169 -2.96 13.42 -0.96
CA THR A 169 -2.44 13.67 0.37
C THR A 169 -1.96 12.35 0.95
N ALA A 170 -0.68 12.33 1.33
CA ALA A 170 -0.07 11.14 1.91
C ALA A 170 -0.52 10.96 3.37
N PRO A 171 -0.42 9.73 3.89
CA PRO A 171 -0.82 9.45 5.28
C PRO A 171 0.01 10.24 6.27
N ALA A 172 -0.56 10.50 7.44
CA ALA A 172 0.16 11.23 8.48
C ALA A 172 1.26 10.28 8.96
N GLY A 173 2.41 10.83 9.30
CA GLY A 173 3.51 10.00 9.75
C GLY A 173 4.32 9.49 8.57
N ALA A 174 3.85 9.78 7.36
CA ALA A 174 4.56 9.35 6.15
C ALA A 174 5.94 10.00 6.19
N LYS A 175 6.96 9.22 5.90
CA LYS A 175 8.33 9.72 5.91
C LYS A 175 8.93 9.80 4.51
N PHE A 176 9.24 11.01 4.09
CA PHE A 176 9.83 11.22 2.77
C PHE A 176 11.21 11.85 2.89
N PRO A 177 12.03 11.78 1.83
CA PRO A 177 13.39 12.35 1.80
C PRO A 177 13.30 13.88 1.86
N ILE A 178 13.36 14.41 3.06
CA ILE A 178 13.24 15.85 3.31
C ILE A 178 13.93 16.78 2.31
N LYS A 179 15.21 16.55 2.02
CA LYS A 179 15.94 17.42 1.12
C LYS A 179 15.57 17.38 -0.37
N TRP A 180 14.72 16.46 -0.77
CA TRP A 180 14.25 16.32 -2.15
C TRP A 180 12.75 16.64 -2.23
N THR A 181 12.16 16.90 -1.07
CA THR A 181 10.73 17.13 -0.95
C THR A 181 10.23 18.57 -1.10
N ALA A 182 9.20 18.75 -1.92
CA ALA A 182 8.62 20.07 -2.16
C ALA A 182 7.93 20.62 -0.90
N PRO A 183 7.85 21.95 -0.79
CA PRO A 183 7.21 22.65 0.35
C PRO A 183 5.81 22.17 0.68
N GLU A 184 4.95 22.06 -0.33
CA GLU A 184 3.58 21.62 -0.11
C GLU A 184 3.53 20.21 0.51
N SER A 185 4.56 19.41 0.24
CA SER A 185 4.62 18.06 0.78
C SER A 185 5.08 18.10 2.23
N LEU A 186 6.13 18.88 2.49
CA LEU A 186 6.68 19.02 3.84
C LEU A 186 5.65 19.57 4.82
N ALA A 187 4.87 20.54 4.38
CA ALA A 187 3.88 21.18 5.22
C ALA A 187 2.50 20.53 5.29
N TYR A 188 1.98 20.06 4.15
CA TYR A 188 0.65 19.47 4.14
C TYR A 188 0.55 18.05 3.59
N ASN A 189 1.71 17.41 3.37
CA ASN A 189 1.74 16.05 2.84
C ASN A 189 1.04 15.97 1.49
N LYS A 190 1.03 17.09 0.77
CA LYS A 190 0.42 17.17 -0.56
C LYS A 190 1.47 16.89 -1.63
N PHE A 191 1.11 16.10 -2.64
CA PHE A 191 2.02 15.75 -3.74
C PHE A 191 1.30 15.81 -5.09
N SER A 192 2.02 16.29 -6.11
CA SER A 192 1.49 16.36 -7.47
C SER A 192 2.69 16.23 -8.40
N ILE A 193 2.44 16.27 -9.70
CA ILE A 193 3.54 16.16 -10.66
C ILE A 193 4.51 17.34 -10.44
N LYS A 194 3.99 18.46 -9.94
CA LYS A 194 4.84 19.62 -9.68
C LYS A 194 5.80 19.36 -8.52
N SER A 195 5.45 18.40 -7.66
CA SER A 195 6.32 18.04 -6.55
C SER A 195 7.51 17.27 -7.15
N ASP A 196 7.27 16.53 -8.22
CA ASP A 196 8.34 15.82 -8.90
C ASP A 196 9.25 16.83 -9.59
N VAL A 197 8.67 17.91 -10.10
CA VAL A 197 9.47 18.95 -10.75
C VAL A 197 10.44 19.53 -9.72
N TRP A 198 9.96 19.79 -8.52
CA TRP A 198 10.83 20.30 -7.46
C TRP A 198 11.96 19.28 -7.23
N ALA A 199 11.61 18.02 -7.07
CA ALA A 199 12.62 16.97 -6.85
C ALA A 199 13.63 16.91 -8.00
N PHE A 200 13.15 17.11 -9.23
CA PHE A 200 14.02 17.09 -10.39
C PHE A 200 15.09 18.17 -10.26
N GLY A 201 14.71 19.33 -9.71
CA GLY A 201 15.66 20.40 -9.52
C GLY A 201 16.77 19.97 -8.58
N VAL A 202 16.41 19.25 -7.53
CA VAL A 202 17.40 18.78 -6.57
C VAL A 202 18.28 17.73 -7.27
N LEU A 203 17.67 16.92 -8.12
CA LEU A 203 18.40 15.89 -8.86
C LEU A 203 19.42 16.56 -9.78
N LEU A 204 19.03 17.68 -10.39
CA LEU A 204 19.96 18.41 -11.26
C LEU A 204 21.16 18.87 -10.44
N TRP A 205 20.91 19.26 -9.19
CA TRP A 205 21.98 19.72 -8.30
C TRP A 205 22.89 18.54 -7.98
N GLU A 206 22.30 17.37 -7.74
CA GLU A 206 23.11 16.18 -7.45
C GLU A 206 24.02 15.88 -8.63
N ILE A 207 23.48 16.00 -9.85
CA ILE A 207 24.27 15.74 -11.05
C ILE A 207 25.41 16.75 -11.22
N ALA A 208 25.09 18.03 -11.07
CA ALA A 208 26.10 19.08 -11.21
C ALA A 208 27.22 18.99 -10.18
N THR A 209 26.94 18.40 -9.01
CA THR A 209 27.96 18.29 -7.97
C THR A 209 28.59 16.90 -7.93
N TYR A 210 28.25 16.07 -8.92
CA TYR A 210 28.76 14.72 -8.98
C TYR A 210 28.40 13.90 -7.74
N GLY A 211 27.17 14.05 -7.28
CA GLY A 211 26.72 13.28 -6.14
C GLY A 211 26.92 13.80 -4.74
N MET A 212 27.00 15.11 -4.56
CA MET A 212 27.15 15.66 -3.21
C MET A 212 25.76 15.61 -2.57
N SER A 213 25.72 15.58 -1.24
CA SER A 213 24.44 15.57 -0.53
C SER A 213 23.91 17.01 -0.55
N PRO A 214 22.60 17.17 -0.81
CA PRO A 214 21.94 18.49 -0.87
C PRO A 214 21.95 19.23 0.46
N TYR A 215 21.83 20.56 0.40
CA TYR A 215 21.81 21.41 1.60
C TYR A 215 22.84 20.91 2.62
N PRO A 216 24.11 20.83 2.20
CA PRO A 216 25.17 20.35 3.09
C PRO A 216 25.20 20.97 4.49
N GLY A 217 25.17 20.10 5.49
CA GLY A 217 25.21 20.52 6.88
C GLY A 217 23.94 21.08 7.48
N ILE A 218 22.96 21.44 6.65
CA ILE A 218 21.71 22.02 7.16
C ILE A 218 20.81 21.02 7.86
N ASP A 219 20.49 21.30 9.13
CA ASP A 219 19.64 20.41 9.92
C ASP A 219 18.28 20.22 9.24
N LEU A 220 17.88 18.96 9.12
CA LEU A 220 16.61 18.60 8.48
C LEU A 220 15.39 19.34 9.01
N SER A 221 15.35 19.56 10.31
CA SER A 221 14.22 20.24 10.95
C SER A 221 14.04 21.70 10.55
N GLN A 222 15.07 22.30 9.95
CA GLN A 222 14.98 23.69 9.55
C GLN A 222 14.91 23.93 8.06
N VAL A 223 14.90 22.85 7.28
CA VAL A 223 14.84 22.98 5.82
C VAL A 223 13.58 23.73 5.41
N TYR A 224 12.44 23.34 5.95
CA TYR A 224 11.19 23.99 5.60
C TYR A 224 11.20 25.49 5.94
N GLU A 225 11.63 25.83 7.15
CA GLU A 225 11.67 27.24 7.57
C GLU A 225 12.56 28.07 6.65
N LEU A 226 13.61 27.46 6.12
CA LEU A 226 14.52 28.17 5.23
C LEU A 226 13.88 28.35 3.86
N LEU A 227 13.23 27.30 3.36
CA LEU A 227 12.59 27.37 2.06
C LEU A 227 11.50 28.44 2.00
N GLU A 228 10.69 28.54 3.05
CA GLU A 228 9.62 29.53 3.04
C GLU A 228 10.14 30.97 3.01
N LYS A 229 11.38 31.16 3.48
CA LYS A 229 11.98 32.49 3.49
C LYS A 229 12.81 32.72 2.24
N ASP A 230 12.59 31.85 1.26
CA ASP A 230 13.26 31.88 -0.04
C ASP A 230 14.74 31.51 -0.06
N TYR A 231 15.17 30.63 0.83
CA TYR A 231 16.55 30.19 0.77
C TYR A 231 16.54 29.03 -0.23
N ARG A 232 17.57 28.98 -1.07
CA ARG A 232 17.72 27.90 -2.06
C ARG A 232 19.22 27.63 -2.20
N MET A 233 19.57 26.40 -2.51
CA MET A 233 20.98 26.05 -2.67
C MET A 233 21.61 26.96 -3.71
N GLU A 234 22.88 27.30 -3.49
CA GLU A 234 23.64 28.15 -4.38
C GLU A 234 24.06 27.41 -5.63
N ARG A 235 24.41 28.17 -6.66
CA ARG A 235 24.85 27.59 -7.92
C ARG A 235 26.15 26.78 -7.68
N PRO A 236 26.16 25.50 -8.06
CA PRO A 236 27.35 24.66 -7.87
C PRO A 236 28.51 25.13 -8.74
N GLU A 237 29.73 24.95 -8.25
CA GLU A 237 30.91 25.32 -9.02
C GLU A 237 30.86 24.57 -10.34
N GLY A 238 31.12 25.28 -11.43
CA GLY A 238 31.12 24.65 -12.75
C GLY A 238 29.76 24.50 -13.41
N CYS A 239 28.69 24.74 -12.67
CA CYS A 239 27.34 24.60 -13.23
C CYS A 239 26.98 25.77 -14.13
N PRO A 240 26.59 25.47 -15.39
CA PRO A 240 26.22 26.54 -16.32
C PRO A 240 25.02 27.35 -15.81
N GLU A 241 25.05 28.65 -16.02
CA GLU A 241 23.99 29.54 -15.54
C GLU A 241 22.60 29.11 -16.00
N LYS A 242 22.46 28.75 -17.27
CA LYS A 242 21.17 28.33 -17.81
C LYS A 242 20.60 27.15 -17.04
N VAL A 243 21.46 26.21 -16.66
CA VAL A 243 21.01 25.04 -15.93
C VAL A 243 20.61 25.41 -14.50
N TYR A 244 21.33 26.35 -13.89
CA TYR A 244 21.01 26.78 -12.54
C TYR A 244 19.67 27.53 -12.57
N GLU A 245 19.44 28.29 -13.64
CA GLU A 245 18.19 29.03 -13.78
C GLU A 245 17.03 28.04 -13.81
N LEU A 246 17.23 26.91 -14.48
CA LEU A 246 16.19 25.89 -14.56
C LEU A 246 15.97 25.28 -13.17
N MET A 247 17.05 25.06 -12.41
CA MET A 247 16.93 24.54 -11.06
C MET A 247 16.06 25.47 -10.24
N ARG A 248 16.36 26.76 -10.31
CA ARG A 248 15.61 27.76 -9.57
C ARG A 248 14.14 27.81 -9.98
N ALA A 249 13.86 27.58 -11.26
CA ALA A 249 12.47 27.58 -11.72
C ALA A 249 11.75 26.37 -11.11
N CYS A 250 12.45 25.25 -11.02
CA CYS A 250 11.88 24.03 -10.43
C CYS A 250 11.60 24.24 -8.95
N TRP A 251 12.34 25.14 -8.32
CA TRP A 251 12.15 25.41 -6.91
C TRP A 251 11.27 26.62 -6.57
N GLN A 252 10.38 26.99 -7.48
CA GLN A 252 9.46 28.10 -7.21
C GLN A 252 8.56 27.62 -6.07
N TRP A 253 8.25 28.50 -5.13
CA TRP A 253 7.40 28.12 -4.00
C TRP A 253 6.02 27.63 -4.42
N ASN A 254 5.40 28.35 -5.34
CA ASN A 254 4.08 27.98 -5.82
C ASN A 254 4.22 26.86 -6.87
N PRO A 255 3.64 25.68 -6.61
CA PRO A 255 3.76 24.60 -7.59
C PRO A 255 3.32 24.97 -9.01
N SER A 256 2.31 25.82 -9.14
CA SER A 256 1.84 26.21 -10.46
C SER A 256 2.83 27.12 -11.19
N ASP A 257 3.80 27.67 -10.48
CA ASP A 257 4.82 28.52 -11.11
C ASP A 257 5.99 27.70 -11.64
N ARG A 258 6.05 26.42 -11.28
CA ARG A 258 7.13 25.56 -11.73
C ARG A 258 6.83 25.08 -13.15
N PRO A 259 7.88 24.93 -13.97
CA PRO A 259 7.68 24.49 -15.34
C PRO A 259 7.24 23.03 -15.44
N SER A 260 6.67 22.66 -16.58
CA SER A 260 6.24 21.28 -16.79
C SER A 260 7.47 20.51 -17.27
N PHE A 261 7.41 19.18 -17.20
CA PHE A 261 8.52 18.39 -17.67
C PHE A 261 8.65 18.50 -19.19
N ALA A 262 7.54 18.80 -19.86
CA ALA A 262 7.57 18.98 -21.31
C ALA A 262 8.46 20.18 -21.62
N GLU A 263 8.31 21.25 -20.83
CA GLU A 263 9.10 22.47 -21.02
C GLU A 263 10.57 22.22 -20.63
N ILE A 264 10.76 21.52 -19.52
CA ILE A 264 12.11 21.21 -19.04
C ILE A 264 12.85 20.35 -20.06
N HIS A 265 12.18 19.32 -20.57
CA HIS A 265 12.83 18.45 -21.55
C HIS A 265 13.24 19.23 -22.79
N GLN A 266 12.35 20.08 -23.27
CA GLN A 266 12.63 20.89 -24.44
C GLN A 266 13.87 21.74 -24.19
N ALA A 267 13.95 22.33 -23.01
CA ALA A 267 15.09 23.16 -22.62
C ALA A 267 16.39 22.37 -22.67
N PHE A 268 16.41 21.19 -22.04
CA PHE A 268 17.61 20.37 -22.04
C PHE A 268 17.98 19.84 -23.41
N GLU A 269 16.99 19.44 -24.19
CA GLU A 269 17.26 18.92 -25.53
C GLU A 269 17.98 19.99 -26.35
N THR A 270 17.51 21.23 -26.23
CA THR A 270 18.10 22.36 -26.95
C THR A 270 19.54 22.59 -26.51
N MET A 271 19.77 22.64 -25.20
CA MET A 271 21.12 22.84 -24.68
C MET A 271 22.05 21.71 -25.10
N PHE A 272 21.53 20.48 -25.08
CA PHE A 272 22.34 19.32 -25.46
C PHE A 272 22.72 19.38 -26.94
N GLN A 273 21.78 19.81 -27.78
CA GLN A 273 22.03 19.91 -29.21
C GLN A 273 23.09 20.98 -29.50
N GLU A 274 22.89 22.16 -28.93
CA GLU A 274 23.82 23.26 -29.15
C GLU A 274 25.20 22.88 -28.63
N SER A 275 25.22 22.20 -27.49
CA SER A 275 26.48 21.77 -26.89
C SER A 275 27.15 20.74 -27.79
N SER A 276 26.35 19.90 -28.44
CA SER A 276 26.86 18.87 -29.33
C SER A 276 27.36 19.51 -30.62
N ILE A 277 26.67 20.56 -31.05
CA ILE A 277 27.04 21.27 -32.28
C ILE A 277 28.35 22.01 -32.05
N SER A 278 28.83 22.00 -30.81
CA SER A 278 30.09 22.62 -30.45
C SER A 278 31.06 21.48 -30.14
N ASP A 279 30.89 20.39 -30.89
CA ASP A 279 31.70 19.19 -30.74
C ASP A 279 33.19 19.48 -30.81
N ASP B 8 4.71 -26.37 23.65
CA ASP B 8 4.07 -25.39 22.71
C ASP B 8 4.88 -24.11 22.63
N LYS B 9 5.40 -23.82 21.43
CA LYS B 9 6.21 -22.63 21.21
C LYS B 9 5.46 -21.33 21.47
N TRP B 10 4.15 -21.34 21.28
CA TRP B 10 3.34 -20.15 21.49
C TRP B 10 3.23 -19.77 22.96
N GLU B 11 3.37 -20.75 23.84
CA GLU B 11 3.29 -20.51 25.27
C GLU B 11 4.40 -19.58 25.74
N MET B 12 4.08 -18.72 26.69
CA MET B 12 5.04 -17.77 27.24
C MET B 12 4.65 -17.33 28.65
N GLU B 13 5.51 -16.54 29.28
CA GLU B 13 5.26 -16.06 30.63
C GLU B 13 4.69 -14.66 30.67
N ARG B 14 3.62 -14.48 31.44
CA ARG B 14 2.96 -13.19 31.57
C ARG B 14 3.92 -12.14 32.11
N THR B 15 4.95 -12.60 32.81
CA THR B 15 5.94 -11.71 33.39
C THR B 15 6.59 -10.76 32.38
N ASP B 16 6.72 -11.21 31.13
CA ASP B 16 7.35 -10.39 30.11
C ASP B 16 6.44 -9.29 29.53
N ILE B 17 5.17 -9.29 29.93
CA ILE B 17 4.21 -8.28 29.48
C ILE B 17 3.80 -7.37 30.61
N THR B 18 3.45 -6.13 30.25
CA THR B 18 2.98 -5.14 31.21
C THR B 18 1.67 -4.57 30.69
N MET B 19 0.56 -5.01 31.28
CA MET B 19 -0.76 -4.54 30.86
C MET B 19 -0.87 -3.03 31.08
N LYS B 20 -1.43 -2.30 30.10
CA LYS B 20 -1.58 -0.86 30.23
C LYS B 20 -3.02 -0.40 30.43
N HIS B 21 -3.77 -0.28 29.35
CA HIS B 21 -5.16 0.16 29.43
C HIS B 21 -6.07 -0.68 28.55
N LYS B 22 -7.37 -0.49 28.72
CA LYS B 22 -8.35 -1.23 27.94
C LYS B 22 -8.58 -0.62 26.57
N LEU B 23 -8.82 -1.47 25.58
CA LEU B 23 -9.04 -1.02 24.21
C LEU B 23 -10.49 -1.19 23.78
N GLY B 24 -10.98 -0.25 22.96
CA GLY B 24 -12.33 -0.31 22.46
C GLY B 24 -13.42 0.08 23.44
N GLY B 25 -13.03 0.59 24.60
CA GLY B 25 -14.01 0.97 25.60
C GLY B 25 -14.82 -0.22 26.10
N GLY B 26 -14.30 -1.42 25.86
CA GLY B 26 -14.98 -2.63 26.31
C GLY B 26 -15.85 -3.32 25.27
N GLN B 27 -15.97 -2.72 24.09
CA GLN B 27 -16.79 -3.31 23.04
C GLN B 27 -16.22 -4.64 22.56
N TYR B 28 -14.97 -4.93 22.92
CA TYR B 28 -14.33 -6.18 22.51
C TYR B 28 -14.11 -7.12 23.70
N GLY B 29 -14.59 -6.71 24.87
CA GLY B 29 -14.41 -7.53 26.06
C GLY B 29 -13.13 -7.16 26.78
N GLU B 30 -12.52 -8.14 27.43
CA GLU B 30 -11.29 -7.91 28.18
C GLU B 30 -10.04 -7.83 27.31
N VAL B 31 -9.92 -6.74 26.55
CA VAL B 31 -8.77 -6.55 25.67
C VAL B 31 -7.98 -5.33 26.12
N TYR B 32 -6.69 -5.51 26.36
CA TYR B 32 -5.84 -4.42 26.81
C TYR B 32 -4.61 -4.23 25.95
N GLU B 33 -4.11 -3.00 25.91
CA GLU B 33 -2.92 -2.69 25.17
C GLU B 33 -1.79 -3.07 26.11
N GLY B 34 -0.75 -3.71 25.59
CA GLY B 34 0.35 -4.10 26.44
C GLY B 34 1.70 -3.91 25.80
N VAL B 35 2.75 -4.15 26.59
CA VAL B 35 4.11 -4.03 26.12
C VAL B 35 4.87 -5.28 26.52
N TRP B 36 5.54 -5.89 25.56
CA TRP B 36 6.32 -7.10 25.79
C TRP B 36 7.74 -6.64 26.06
N LYS B 37 7.96 -6.18 27.30
CA LYS B 37 9.26 -5.67 27.74
C LYS B 37 10.43 -6.06 26.84
N LYS B 38 10.68 -7.36 26.74
CA LYS B 38 11.80 -7.86 25.93
C LYS B 38 12.07 -7.03 24.67
N TYR B 39 11.22 -7.15 23.65
CA TYR B 39 11.44 -6.37 22.43
C TYR B 39 10.79 -4.99 22.50
N SER B 40 10.39 -4.57 23.70
CA SER B 40 9.75 -3.27 23.88
C SER B 40 8.65 -3.09 22.84
N LEU B 41 8.10 -4.21 22.39
CA LEU B 41 7.04 -4.22 21.39
C LEU B 41 5.65 -4.05 21.99
N THR B 42 4.87 -3.13 21.43
CA THR B 42 3.53 -2.89 21.89
C THR B 42 2.65 -4.02 21.34
N VAL B 43 1.79 -4.58 22.18
CA VAL B 43 0.92 -5.67 21.77
C VAL B 43 -0.51 -5.50 22.28
N ALA B 44 -1.38 -6.39 21.81
CA ALA B 44 -2.78 -6.39 22.22
C ALA B 44 -2.99 -7.69 22.97
N VAL B 45 -3.61 -7.61 24.15
CA VAL B 45 -3.83 -8.80 24.95
C VAL B 45 -5.29 -9.03 25.32
N LYS B 46 -5.78 -10.20 24.97
CA LYS B 46 -7.15 -10.59 25.29
C LYS B 46 -7.04 -11.47 26.53
N THR B 47 -7.73 -11.10 27.59
CA THR B 47 -7.69 -11.88 28.82
C THR B 47 -9.06 -12.45 29.15
N LEU B 48 -9.08 -13.44 30.03
CA LEU B 48 -10.33 -14.08 30.43
C LEU B 48 -10.46 -14.03 31.96
N LYS B 49 -11.63 -13.61 32.43
CA LYS B 49 -11.90 -13.52 33.87
C LYS B 49 -11.68 -14.85 34.59
N GLU B 50 -11.75 -14.80 35.92
CA GLU B 50 -11.55 -15.99 36.74
C GLU B 50 -12.74 -16.95 36.70
N ASP B 51 -13.93 -16.43 37.01
CA ASP B 51 -15.13 -17.25 37.01
C ASP B 51 -15.94 -17.06 35.73
N THR B 52 -15.73 -17.95 34.77
CA THR B 52 -16.43 -17.86 33.49
C THR B 52 -16.68 -19.23 32.86
N MET B 53 -17.57 -19.27 31.89
CA MET B 53 -17.90 -20.49 31.18
C MET B 53 -17.47 -20.32 29.73
N GLU B 54 -16.46 -19.47 29.53
CA GLU B 54 -15.94 -19.18 28.20
C GLU B 54 -14.56 -19.78 27.97
N VAL B 55 -14.01 -20.40 29.02
CA VAL B 55 -12.69 -21.01 28.96
C VAL B 55 -12.49 -21.93 27.74
N GLU B 56 -13.42 -22.86 27.55
CA GLU B 56 -13.32 -23.79 26.44
C GLU B 56 -13.25 -23.06 25.10
N GLU B 57 -14.20 -22.16 24.88
CA GLU B 57 -14.25 -21.39 23.65
C GLU B 57 -13.01 -20.52 23.49
N PHE B 58 -12.52 -20.01 24.61
CA PHE B 58 -11.33 -19.16 24.62
C PHE B 58 -10.14 -19.95 24.08
N LEU B 59 -9.93 -21.15 24.62
CA LEU B 59 -8.83 -22.01 24.21
C LEU B 59 -8.98 -22.43 22.75
N LYS B 60 -10.21 -22.64 22.31
CA LYS B 60 -10.47 -23.04 20.93
C LYS B 60 -10.09 -21.89 19.99
N GLU B 61 -10.31 -20.66 20.46
CA GLU B 61 -9.96 -19.47 19.68
C GLU B 61 -8.47 -19.45 19.45
N ALA B 62 -7.71 -19.61 20.54
CA ALA B 62 -6.25 -19.61 20.49
C ALA B 62 -5.71 -20.69 19.55
N ALA B 63 -6.33 -21.86 19.60
CA ALA B 63 -5.91 -22.97 18.76
C ALA B 63 -6.04 -22.61 17.28
N VAL B 64 -7.16 -21.98 16.92
CA VAL B 64 -7.40 -21.58 15.54
C VAL B 64 -6.39 -20.52 15.07
N MET B 65 -6.12 -19.55 15.95
CA MET B 65 -5.20 -18.47 15.61
C MET B 65 -3.76 -18.94 15.38
N LYS B 66 -3.41 -20.11 15.93
CA LYS B 66 -2.08 -20.66 15.75
C LYS B 66 -1.96 -21.25 14.36
N GLU B 67 -3.11 -21.53 13.74
CA GLU B 67 -3.15 -22.14 12.40
C GLU B 67 -3.18 -21.12 11.27
N ILE B 68 -3.83 -19.99 11.51
CA ILE B 68 -3.96 -18.95 10.50
C ILE B 68 -2.79 -17.98 10.34
N LYS B 69 -2.51 -17.63 9.09
CA LYS B 69 -1.45 -16.69 8.77
C LYS B 69 -1.75 -16.06 7.43
N HIS B 70 -2.05 -14.77 7.46
CA HIS B 70 -2.36 -14.01 6.26
C HIS B 70 -2.07 -12.55 6.57
N PRO B 71 -1.56 -11.80 5.59
CA PRO B 71 -1.23 -10.38 5.78
C PRO B 71 -2.37 -9.54 6.34
N ASN B 72 -3.61 -9.91 6.01
CA ASN B 72 -4.75 -9.12 6.46
C ASN B 72 -5.60 -9.73 7.57
N LEU B 73 -4.99 -10.58 8.38
CA LEU B 73 -5.68 -11.18 9.53
C LEU B 73 -4.75 -10.91 10.72
N VAL B 74 -5.30 -10.37 11.81
CA VAL B 74 -4.50 -10.06 12.99
C VAL B 74 -3.62 -11.25 13.35
N GLN B 75 -2.32 -11.02 13.49
CA GLN B 75 -1.39 -12.09 13.80
C GLN B 75 -1.19 -12.40 15.27
N LEU B 76 -1.26 -13.68 15.60
CA LEU B 76 -1.05 -14.15 16.97
C LEU B 76 0.43 -14.12 17.29
N LEU B 77 0.77 -13.70 18.50
CA LEU B 77 2.17 -13.63 18.91
C LEU B 77 2.48 -14.67 19.99
N GLY B 78 1.52 -14.88 20.90
CA GLY B 78 1.71 -15.85 21.96
C GLY B 78 0.47 -16.05 22.80
N VAL B 79 0.55 -16.97 23.77
CA VAL B 79 -0.57 -17.25 24.65
C VAL B 79 -0.12 -17.69 26.03
N CYS B 80 -1.04 -17.58 26.99
CA CYS B 80 -0.81 -17.99 28.37
C CYS B 80 -2.02 -18.85 28.72
N THR B 81 -1.83 -20.16 28.67
CA THR B 81 -2.92 -21.09 28.91
C THR B 81 -2.88 -21.84 30.25
N ARG B 82 -1.69 -22.24 30.67
CA ARG B 82 -1.45 -22.98 31.91
C ARG B 82 -2.38 -22.67 33.08
N GLU B 83 -2.21 -21.46 33.60
CA GLU B 83 -2.90 -20.89 34.74
C GLU B 83 -4.04 -19.95 34.34
N PRO B 84 -4.84 -19.49 35.32
CA PRO B 84 -5.97 -18.59 35.11
C PRO B 84 -5.54 -17.38 34.27
N PRO B 85 -5.92 -16.14 34.63
CA PRO B 85 -5.47 -15.06 33.75
C PRO B 85 -4.99 -15.53 32.39
N PHE B 86 -5.87 -16.23 31.68
CA PHE B 86 -5.55 -16.75 30.35
C PHE B 86 -5.25 -15.59 29.42
N TYR B 87 -4.21 -15.72 28.61
CA TYR B 87 -3.83 -14.66 27.69
C TYR B 87 -3.75 -15.07 26.23
N ILE B 88 -4.19 -14.16 25.35
CA ILE B 88 -4.09 -14.36 23.90
C ILE B 88 -3.43 -13.06 23.47
N ILE B 89 -2.20 -13.17 23.00
CA ILE B 89 -1.43 -12.01 22.60
C ILE B 89 -1.22 -11.91 21.10
N THR B 90 -1.52 -10.74 20.56
CA THR B 90 -1.41 -10.48 19.13
C THR B 90 -0.73 -9.15 18.87
N GLU B 91 -0.44 -8.90 17.60
CA GLU B 91 0.18 -7.64 17.20
C GLU B 91 -0.79 -6.53 17.53
N PHE B 92 -0.28 -5.30 17.63
CA PHE B 92 -1.12 -4.17 17.96
C PHE B 92 -1.39 -3.32 16.71
N MET B 93 -2.65 -3.07 16.42
CA MET B 93 -3.03 -2.24 15.27
C MET B 93 -3.21 -0.83 15.81
N THR B 94 -2.25 0.03 15.51
CA THR B 94 -2.25 1.42 15.96
C THR B 94 -3.42 2.36 15.73
N TYR B 95 -4.14 2.23 14.61
CA TYR B 95 -5.24 3.14 14.37
C TYR B 95 -6.65 2.69 14.74
N GLY B 96 -6.78 1.66 15.57
CA GLY B 96 -8.10 1.21 16.00
C GLY B 96 -8.96 0.55 14.94
N ASN B 97 -10.26 0.46 15.19
CA ASN B 97 -11.15 -0.20 14.24
C ASN B 97 -11.49 0.69 13.04
N LEU B 98 -11.75 0.03 11.92
CA LEU B 98 -12.06 0.69 10.66
C LEU B 98 -13.25 1.65 10.71
N LEU B 99 -14.27 1.31 11.51
CA LEU B 99 -15.43 2.17 11.60
C LEU B 99 -15.07 3.56 12.14
N ASP B 100 -14.40 3.60 13.30
CA ASP B 100 -14.01 4.88 13.89
C ASP B 100 -13.00 5.61 13.00
N TYR B 101 -12.11 4.84 12.40
CA TYR B 101 -11.09 5.41 11.52
C TYR B 101 -11.75 6.17 10.37
N LEU B 102 -12.70 5.54 9.70
CA LEU B 102 -13.37 6.18 8.58
C LEU B 102 -14.18 7.39 8.99
N ARG B 103 -14.81 7.31 10.16
CA ARG B 103 -15.62 8.40 10.67
C ARG B 103 -14.80 9.64 11.04
N GLU B 104 -13.54 9.44 11.40
CA GLU B 104 -12.70 10.55 11.83
C GLU B 104 -11.52 10.87 10.91
N CYS B 105 -11.47 10.26 9.73
CA CYS B 105 -10.35 10.47 8.83
C CYS B 105 -10.41 11.72 7.97
N ASN B 106 -9.28 12.01 7.33
CA ASN B 106 -9.17 13.13 6.40
C ASN B 106 -9.53 12.48 5.07
N ARG B 107 -10.71 12.82 4.54
CA ARG B 107 -11.16 12.23 3.29
C ARG B 107 -10.32 12.57 2.06
N GLN B 108 -9.52 13.63 2.17
CA GLN B 108 -8.64 14.00 1.07
C GLN B 108 -7.54 12.95 1.01
N GLU B 109 -7.17 12.44 2.18
CA GLU B 109 -6.14 11.42 2.31
C GLU B 109 -6.76 10.06 1.98
N VAL B 110 -7.85 9.72 2.69
CA VAL B 110 -8.54 8.46 2.44
C VAL B 110 -9.49 8.67 1.27
N ASN B 111 -8.91 8.71 0.08
CA ASN B 111 -9.63 8.95 -1.15
C ASN B 111 -10.31 7.69 -1.70
N ALA B 112 -10.93 7.82 -2.87
CA ALA B 112 -11.63 6.72 -3.52
C ALA B 112 -10.74 5.50 -3.77
N VAL B 113 -9.50 5.73 -4.18
CA VAL B 113 -8.58 4.62 -4.42
C VAL B 113 -8.27 3.90 -3.11
N VAL B 114 -8.10 4.67 -2.03
CA VAL B 114 -7.81 4.07 -0.74
C VAL B 114 -8.96 3.17 -0.29
N LEU B 115 -10.19 3.59 -0.57
CA LEU B 115 -11.36 2.79 -0.21
C LEU B 115 -11.32 1.46 -0.97
N LEU B 116 -10.93 1.51 -2.24
CA LEU B 116 -10.83 0.29 -3.05
C LEU B 116 -9.73 -0.60 -2.48
N TYR B 117 -8.65 0.03 -2.04
CA TYR B 117 -7.51 -0.68 -1.45
C TYR B 117 -7.93 -1.43 -0.19
N MET B 118 -8.72 -0.76 0.64
CA MET B 118 -9.18 -1.38 1.89
C MET B 118 -10.10 -2.58 1.62
N ALA B 119 -10.99 -2.43 0.64
CA ALA B 119 -11.90 -3.50 0.27
C ALA B 119 -11.11 -4.66 -0.33
N THR B 120 -10.06 -4.35 -1.07
CA THR B 120 -9.24 -5.39 -1.68
C THR B 120 -8.56 -6.20 -0.57
N GLN B 121 -8.03 -5.51 0.43
CA GLN B 121 -7.35 -6.19 1.53
C GLN B 121 -8.31 -7.08 2.32
N ILE B 122 -9.50 -6.57 2.60
CA ILE B 122 -10.47 -7.34 3.36
C ILE B 122 -10.93 -8.56 2.58
N SER B 123 -11.21 -8.40 1.29
CA SER B 123 -11.65 -9.53 0.48
C SER B 123 -10.55 -10.57 0.38
N SER B 124 -9.29 -10.14 0.47
CA SER B 124 -8.17 -11.07 0.41
C SER B 124 -8.17 -11.96 1.64
N ALA B 125 -8.36 -11.36 2.81
CA ALA B 125 -8.40 -12.11 4.05
C ALA B 125 -9.56 -13.10 3.99
N MET B 126 -10.71 -12.63 3.51
CA MET B 126 -11.89 -13.48 3.42
C MET B 126 -11.70 -14.61 2.40
N GLU B 127 -11.00 -14.33 1.30
CA GLU B 127 -10.76 -15.37 0.31
C GLU B 127 -9.92 -16.46 0.98
N TYR B 128 -8.95 -16.04 1.79
CA TYR B 128 -8.09 -16.96 2.51
C TYR B 128 -8.94 -17.84 3.43
N LEU B 129 -9.80 -17.22 4.23
CA LEU B 129 -10.67 -17.97 5.12
C LEU B 129 -11.57 -18.92 4.34
N GLU B 130 -12.08 -18.44 3.21
CA GLU B 130 -12.94 -19.24 2.34
C GLU B 130 -12.23 -20.53 1.94
N LYS B 131 -11.01 -20.41 1.43
CA LYS B 131 -10.24 -21.57 1.01
C LYS B 131 -9.82 -22.50 2.15
N LYS B 132 -9.69 -21.97 3.36
CA LYS B 132 -9.28 -22.78 4.50
C LYS B 132 -10.46 -23.39 5.25
N ASN B 133 -11.66 -23.26 4.67
CA ASN B 133 -12.88 -23.81 5.25
C ASN B 133 -13.31 -23.24 6.59
N PHE B 134 -13.21 -21.92 6.72
CA PHE B 134 -13.63 -21.23 7.93
C PHE B 134 -14.76 -20.30 7.52
N ILE B 135 -15.53 -19.84 8.50
CA ILE B 135 -16.58 -18.86 8.28
C ILE B 135 -16.35 -17.89 9.42
N HIS B 136 -16.65 -16.61 9.20
CA HIS B 136 -16.46 -15.58 10.22
C HIS B 136 -17.82 -15.22 10.79
N ARG B 137 -17.94 -15.26 12.12
CA ARG B 137 -19.20 -14.97 12.77
C ARG B 137 -19.41 -13.50 13.13
N ASP B 138 -18.39 -12.67 12.92
CA ASP B 138 -18.49 -11.25 13.26
C ASP B 138 -17.91 -10.30 12.21
N LEU B 139 -18.23 -10.49 10.95
CA LEU B 139 -17.70 -9.63 9.90
C LEU B 139 -18.43 -8.28 9.85
N ALA B 140 -17.69 -7.22 10.17
CA ALA B 140 -18.23 -5.86 10.16
C ALA B 140 -17.07 -4.88 10.28
N ALA B 141 -17.28 -3.63 9.90
CA ALA B 141 -16.23 -2.62 9.96
C ALA B 141 -15.66 -2.45 11.37
N ARG B 142 -16.51 -2.60 12.38
CA ARG B 142 -16.07 -2.45 13.76
C ARG B 142 -15.08 -3.55 14.14
N ASN B 143 -15.08 -4.65 13.40
CA ASN B 143 -14.18 -5.74 13.70
C ASN B 143 -13.01 -5.85 12.74
N CYS B 144 -12.71 -4.75 12.08
CA CYS B 144 -11.57 -4.67 11.17
C CYS B 144 -10.68 -3.63 11.82
N LEU B 145 -9.37 -3.90 11.82
CA LEU B 145 -8.42 -2.98 12.45
C LEU B 145 -7.50 -2.31 11.44
N VAL B 146 -7.10 -1.09 11.75
CA VAL B 146 -6.25 -0.32 10.85
C VAL B 146 -4.85 -0.07 11.39
N GLY B 147 -3.87 -0.17 10.49
CA GLY B 147 -2.50 0.07 10.86
C GLY B 147 -1.93 1.20 10.02
N GLU B 148 -0.61 1.27 9.93
CA GLU B 148 0.07 2.30 9.15
C GLU B 148 -0.21 2.18 7.66
N ASN B 149 -0.18 3.32 6.98
CA ASN B 149 -0.37 3.39 5.54
C ASN B 149 -1.58 2.67 4.97
N HIS B 150 -2.71 2.84 5.66
CA HIS B 150 -3.98 2.25 5.25
C HIS B 150 -4.05 0.72 5.29
N LEU B 151 -3.18 0.10 6.06
CA LEU B 151 -3.19 -1.35 6.20
C LEU B 151 -4.44 -1.72 6.98
N VAL B 152 -5.18 -2.72 6.52
CA VAL B 152 -6.39 -3.17 7.20
C VAL B 152 -6.34 -4.67 7.46
N LYS B 153 -6.68 -5.06 8.69
CA LYS B 153 -6.69 -6.47 9.06
C LYS B 153 -8.03 -6.82 9.68
N VAL B 154 -8.52 -8.02 9.37
CA VAL B 154 -9.78 -8.48 9.90
C VAL B 154 -9.50 -9.20 11.22
N ALA B 155 -10.38 -8.99 12.20
CA ALA B 155 -10.24 -9.62 13.50
C ALA B 155 -10.26 -11.15 13.38
N ASP B 156 -9.40 -11.80 14.15
CA ASP B 156 -9.28 -13.26 14.13
C ASP B 156 -10.29 -13.99 15.00
N PHE B 157 -10.94 -13.27 15.92
CA PHE B 157 -11.94 -13.90 16.77
C PHE B 157 -13.20 -14.11 15.91
N GLY B 158 -14.11 -14.93 16.40
CA GLY B 158 -15.33 -15.17 15.64
C GLY B 158 -15.14 -16.16 14.49
N LEU B 159 -14.01 -16.87 14.47
CA LEU B 159 -13.77 -17.84 13.41
C LEU B 159 -14.26 -19.22 13.80
N SER B 160 -14.94 -19.88 12.86
CA SER B 160 -15.46 -21.24 13.09
C SER B 160 -15.01 -22.12 11.94
N ARG B 161 -14.46 -23.28 12.27
CA ARG B 161 -14.00 -24.22 11.26
C ARG B 161 -15.14 -25.12 10.80
N LEU B 162 -15.26 -25.33 9.49
CA LEU B 162 -16.30 -26.19 8.96
C LEU B 162 -15.72 -27.61 8.89
N MET B 163 -16.10 -28.47 9.83
CA MET B 163 -15.58 -29.84 9.87
C MET B 163 -16.12 -30.69 8.72
N THR B 164 -17.37 -30.46 8.35
CA THR B 164 -18.01 -31.18 7.24
C THR B 164 -18.98 -30.20 6.62
N GLY B 165 -19.29 -30.39 5.35
CA GLY B 165 -20.25 -29.52 4.69
C GLY B 165 -19.78 -28.08 4.51
N ASP B 166 -20.73 -27.19 4.28
CA ASP B 166 -20.42 -25.79 4.06
C ASP B 166 -21.17 -24.83 4.96
N THR B 167 -21.93 -25.34 5.93
CA THR B 167 -22.69 -24.47 6.81
C THR B 167 -22.41 -24.68 8.28
N TYR B 168 -22.33 -23.56 9.00
CA TYR B 168 -22.10 -23.57 10.43
C TYR B 168 -23.41 -23.17 11.11
N THR B 169 -23.83 -23.94 12.11
CA THR B 169 -25.05 -23.64 12.84
C THR B 169 -24.66 -23.02 14.18
N ALA B 170 -25.18 -21.82 14.45
CA ALA B 170 -24.87 -21.14 15.69
C ALA B 170 -25.63 -21.76 16.87
N PRO B 171 -25.14 -21.56 18.10
CA PRO B 171 -25.82 -22.12 19.28
C PRO B 171 -27.29 -21.71 19.33
N ALA B 172 -28.14 -22.61 19.79
CA ALA B 172 -29.57 -22.32 19.89
C ALA B 172 -29.81 -21.00 20.63
N GLY B 173 -30.64 -20.15 20.04
CA GLY B 173 -30.94 -18.87 20.67
C GLY B 173 -29.89 -17.79 20.47
N ALA B 174 -28.80 -18.11 19.79
CA ALA B 174 -27.75 -17.12 19.55
C ALA B 174 -28.32 -15.91 18.79
N LYS B 175 -27.87 -14.73 19.15
CA LYS B 175 -28.36 -13.52 18.48
C LYS B 175 -27.23 -12.81 17.77
N PHE B 176 -27.50 -12.38 16.53
CA PHE B 176 -26.50 -11.68 15.72
C PHE B 176 -27.00 -10.30 15.30
N PRO B 177 -26.06 -9.39 14.94
CA PRO B 177 -26.38 -8.03 14.51
C PRO B 177 -27.26 -8.08 13.26
N ILE B 178 -28.55 -7.82 13.44
CA ILE B 178 -29.52 -7.87 12.35
C ILE B 178 -29.12 -7.22 11.02
N LYS B 179 -28.63 -5.98 11.06
CA LYS B 179 -28.27 -5.28 9.83
C LYS B 179 -27.06 -5.81 9.04
N TRP B 180 -26.28 -6.70 9.64
CA TRP B 180 -25.11 -7.26 8.96
C TRP B 180 -25.31 -8.73 8.62
N THR B 181 -26.46 -9.27 9.02
CA THR B 181 -26.73 -10.69 8.84
C THR B 181 -27.57 -11.11 7.63
N ALA B 182 -27.06 -12.11 6.91
CA ALA B 182 -27.77 -12.62 5.74
C ALA B 182 -29.13 -13.19 6.13
N PRO B 183 -30.11 -13.14 5.20
CA PRO B 183 -31.47 -13.64 5.40
C PRO B 183 -31.57 -15.07 5.93
N GLU B 184 -30.82 -15.98 5.31
CA GLU B 184 -30.84 -17.37 5.74
C GLU B 184 -30.34 -17.49 7.19
N SER B 185 -29.43 -16.59 7.57
CA SER B 185 -28.88 -16.60 8.92
C SER B 185 -29.86 -16.02 9.93
N LEU B 186 -30.60 -15.00 9.51
CA LEU B 186 -31.60 -14.41 10.38
C LEU B 186 -32.71 -15.43 10.61
N ALA B 187 -33.01 -16.18 9.55
CA ALA B 187 -34.08 -17.17 9.61
C ALA B 187 -33.75 -18.47 10.31
N TYR B 188 -32.56 -19.03 10.06
CA TYR B 188 -32.19 -20.32 10.65
C TYR B 188 -30.94 -20.37 11.53
N ASN B 189 -30.29 -19.23 11.74
CA ASN B 189 -29.06 -19.20 12.54
C ASN B 189 -27.99 -20.11 11.92
N LYS B 190 -28.01 -20.20 10.59
CA LYS B 190 -27.04 -21.00 9.87
C LYS B 190 -26.20 -20.07 9.00
N PHE B 191 -24.89 -20.30 9.00
CA PHE B 191 -23.96 -19.47 8.25
C PHE B 191 -23.04 -20.25 7.32
N SER B 192 -22.96 -19.81 6.06
CA SER B 192 -22.05 -20.43 5.11
C SER B 192 -21.10 -19.30 4.74
N ILE B 193 -20.12 -19.57 3.89
CA ILE B 193 -19.21 -18.52 3.50
C ILE B 193 -20.02 -17.47 2.72
N LYS B 194 -21.11 -17.89 2.09
CA LYS B 194 -21.97 -16.97 1.34
C LYS B 194 -22.68 -15.99 2.27
N SER B 195 -22.84 -16.38 3.53
CA SER B 195 -23.46 -15.51 4.53
C SER B 195 -22.45 -14.40 4.81
N ASP B 196 -21.16 -14.75 4.81
CA ASP B 196 -20.10 -13.78 5.04
C ASP B 196 -20.02 -12.83 3.85
N VAL B 197 -20.31 -13.36 2.67
CA VAL B 197 -20.30 -12.54 1.45
C VAL B 197 -21.36 -11.45 1.60
N TRP B 198 -22.52 -11.82 2.15
CA TRP B 198 -23.59 -10.84 2.36
C TRP B 198 -23.09 -9.76 3.32
N ALA B 199 -22.49 -10.19 4.43
CA ALA B 199 -21.95 -9.27 5.42
C ALA B 199 -20.87 -8.37 4.81
N PHE B 200 -20.07 -8.92 3.91
CA PHE B 200 -19.01 -8.15 3.25
C PHE B 200 -19.65 -7.01 2.44
N GLY B 201 -20.80 -7.30 1.85
CA GLY B 201 -21.52 -6.30 1.08
C GLY B 201 -21.91 -5.12 1.96
N VAL B 202 -22.36 -5.42 3.17
CA VAL B 202 -22.76 -4.38 4.10
C VAL B 202 -21.49 -3.61 4.50
N LEU B 203 -20.41 -4.34 4.71
CA LEU B 203 -19.14 -3.72 5.08
C LEU B 203 -18.71 -2.75 3.96
N LEU B 204 -18.90 -3.16 2.71
CA LEU B 204 -18.56 -2.29 1.58
C LEU B 204 -19.33 -0.98 1.65
N TRP B 205 -20.60 -1.08 2.07
CA TRP B 205 -21.46 0.09 2.20
C TRP B 205 -20.93 1.00 3.32
N GLU B 206 -20.54 0.41 4.45
CA GLU B 206 -19.99 1.21 5.57
C GLU B 206 -18.75 1.97 5.08
N ILE B 207 -17.92 1.29 4.29
CA ILE B 207 -16.70 1.91 3.78
C ILE B 207 -17.05 3.06 2.83
N ALA B 208 -17.96 2.78 1.89
CA ALA B 208 -18.39 3.76 0.90
C ALA B 208 -18.99 5.04 1.49
N THR B 209 -19.58 4.93 2.68
CA THR B 209 -20.21 6.07 3.33
C THR B 209 -19.33 6.63 4.46
N TYR B 210 -18.08 6.16 4.52
CA TYR B 210 -17.16 6.56 5.56
C TYR B 210 -17.74 6.32 6.96
N GLY B 211 -18.29 5.12 7.16
CA GLY B 211 -18.82 4.75 8.46
C GLY B 211 -20.25 5.06 8.87
N MET B 212 -21.16 5.18 7.92
CA MET B 212 -22.55 5.45 8.26
C MET B 212 -23.15 4.12 8.73
N SER B 213 -24.18 4.18 9.57
CA SER B 213 -24.84 2.96 10.03
C SER B 213 -25.72 2.47 8.90
N PRO B 214 -25.70 1.16 8.62
CA PRO B 214 -26.54 0.62 7.53
C PRO B 214 -28.03 0.74 7.85
N TYR B 215 -28.87 0.73 6.81
CA TYR B 215 -30.32 0.84 6.95
C TYR B 215 -30.67 1.89 8.00
N PRO B 216 -30.08 3.09 7.88
CA PRO B 216 -30.35 4.15 8.86
C PRO B 216 -31.81 4.51 9.01
N GLY B 217 -32.28 4.45 10.26
CA GLY B 217 -33.66 4.81 10.56
C GLY B 217 -34.68 3.71 10.39
N ILE B 218 -34.29 2.58 9.82
CA ILE B 218 -35.23 1.49 9.60
C ILE B 218 -35.47 0.65 10.85
N ASP B 219 -36.74 0.33 11.09
CA ASP B 219 -37.13 -0.48 12.23
C ASP B 219 -36.54 -1.89 12.09
N LEU B 220 -35.76 -2.30 13.08
CA LEU B 220 -35.12 -3.61 13.06
C LEU B 220 -36.10 -4.78 12.88
N SER B 221 -37.31 -4.65 13.41
CA SER B 221 -38.29 -5.71 13.28
C SER B 221 -38.73 -5.91 11.83
N GLN B 222 -38.48 -4.90 10.99
CA GLN B 222 -38.88 -4.94 9.59
C GLN B 222 -37.81 -5.40 8.61
N VAL B 223 -36.55 -5.42 9.04
CA VAL B 223 -35.46 -5.79 8.16
C VAL B 223 -35.63 -7.06 7.34
N TYR B 224 -35.95 -8.17 7.99
CA TYR B 224 -36.10 -9.42 7.26
C TYR B 224 -37.18 -9.32 6.18
N GLU B 225 -38.35 -8.82 6.53
CA GLU B 225 -39.43 -8.73 5.55
C GLU B 225 -39.06 -7.80 4.40
N LEU B 226 -38.45 -6.67 4.73
CA LEU B 226 -38.04 -5.71 3.72
C LEU B 226 -37.08 -6.39 2.74
N LEU B 227 -36.11 -7.13 3.28
CA LEU B 227 -35.15 -7.83 2.44
C LEU B 227 -35.83 -8.89 1.57
N GLU B 228 -36.76 -9.64 2.17
CA GLU B 228 -37.47 -10.69 1.44
C GLU B 228 -38.24 -10.07 0.28
N LYS B 229 -38.73 -8.84 0.48
CA LYS B 229 -39.48 -8.16 -0.56
C LYS B 229 -38.61 -7.25 -1.42
N ASP B 230 -37.35 -7.66 -1.53
CA ASP B 230 -36.33 -7.00 -2.35
C ASP B 230 -35.83 -5.60 -2.06
N TYR B 231 -35.97 -5.11 -0.84
CA TYR B 231 -35.44 -3.81 -0.48
C TYR B 231 -33.94 -3.99 -0.30
N ARG B 232 -33.17 -3.03 -0.78
CA ARG B 232 -31.71 -3.06 -0.64
C ARG B 232 -31.22 -1.62 -0.49
N MET B 233 -30.14 -1.42 0.26
CA MET B 233 -29.62 -0.07 0.42
C MET B 233 -29.25 0.50 -0.94
N GLU B 234 -29.45 1.79 -1.11
CA GLU B 234 -29.13 2.43 -2.36
C GLU B 234 -27.67 2.84 -2.46
N ARG B 235 -27.24 3.17 -3.67
CA ARG B 235 -25.85 3.55 -3.91
C ARG B 235 -25.49 4.84 -3.19
N PRO B 236 -24.44 4.79 -2.35
CA PRO B 236 -23.99 5.97 -1.60
C PRO B 236 -23.46 7.04 -2.55
N GLU B 237 -23.60 8.30 -2.14
CA GLU B 237 -23.11 9.41 -2.95
C GLU B 237 -21.61 9.23 -3.19
N GLY B 238 -21.20 9.30 -4.45
CA GLY B 238 -19.79 9.16 -4.78
C GLY B 238 -19.33 7.73 -5.02
N CYS B 239 -20.10 6.75 -4.58
CA CYS B 239 -19.74 5.34 -4.77
C CYS B 239 -19.80 4.97 -6.24
N PRO B 240 -18.67 4.46 -6.79
CA PRO B 240 -18.65 4.07 -8.20
C PRO B 240 -19.68 2.99 -8.50
N GLU B 241 -20.31 3.08 -9.67
CA GLU B 241 -21.31 2.11 -10.08
C GLU B 241 -20.83 0.67 -10.01
N LYS B 242 -19.60 0.41 -10.47
CA LYS B 242 -19.03 -0.93 -10.46
C LYS B 242 -19.02 -1.51 -9.06
N VAL B 243 -18.63 -0.69 -8.09
CA VAL B 243 -18.58 -1.13 -6.70
C VAL B 243 -19.97 -1.40 -6.16
N TYR B 244 -20.93 -0.54 -6.51
CA TYR B 244 -22.29 -0.74 -6.04
C TYR B 244 -22.86 -2.03 -6.62
N GLU B 245 -22.48 -2.35 -7.85
CA GLU B 245 -22.95 -3.57 -8.50
C GLU B 245 -22.42 -4.80 -7.76
N LEU B 246 -21.19 -4.71 -7.26
CA LEU B 246 -20.61 -5.82 -6.49
C LEU B 246 -21.36 -5.96 -5.17
N MET B 247 -21.73 -4.81 -4.60
CA MET B 247 -22.48 -4.77 -3.36
C MET B 247 -23.80 -5.51 -3.55
N ARG B 248 -24.50 -5.17 -4.63
CA ARG B 248 -25.78 -5.78 -4.93
C ARG B 248 -25.65 -7.28 -5.20
N ALA B 249 -24.53 -7.68 -5.79
CA ALA B 249 -24.29 -9.09 -6.05
C ALA B 249 -24.15 -9.83 -4.72
N CYS B 250 -23.51 -9.19 -3.74
CA CYS B 250 -23.32 -9.78 -2.43
C CYS B 250 -24.65 -9.95 -1.70
N TRP B 251 -25.64 -9.11 -2.06
CA TRP B 251 -26.96 -9.16 -1.44
C TRP B 251 -28.02 -9.93 -2.22
N GLN B 252 -27.60 -10.90 -3.03
CA GLN B 252 -28.57 -11.70 -3.77
C GLN B 252 -29.31 -12.53 -2.72
N TRP B 253 -30.62 -12.68 -2.90
CA TRP B 253 -31.43 -13.44 -1.95
C TRP B 253 -30.92 -14.87 -1.80
N ASN B 254 -30.73 -15.57 -2.92
CA ASN B 254 -30.24 -16.95 -2.90
C ASN B 254 -28.72 -16.94 -2.71
N PRO B 255 -28.23 -17.53 -1.63
CA PRO B 255 -26.80 -17.59 -1.31
C PRO B 255 -25.96 -18.13 -2.48
N SER B 256 -26.52 -19.08 -3.22
CA SER B 256 -25.80 -19.65 -4.36
C SER B 256 -25.58 -18.66 -5.49
N ASP B 257 -26.35 -17.57 -5.50
CA ASP B 257 -26.18 -16.56 -6.55
C ASP B 257 -25.14 -15.50 -6.20
N ARG B 258 -24.71 -15.48 -4.94
CA ARG B 258 -23.71 -14.51 -4.48
C ARG B 258 -22.34 -14.95 -4.95
N PRO B 259 -21.47 -13.99 -5.29
CA PRO B 259 -20.13 -14.36 -5.75
C PRO B 259 -19.28 -14.90 -4.60
N SER B 260 -18.22 -15.64 -4.95
CA SER B 260 -17.31 -16.17 -3.94
C SER B 260 -16.34 -15.05 -3.60
N PHE B 261 -15.58 -15.20 -2.53
CA PHE B 261 -14.61 -14.18 -2.16
C PHE B 261 -13.45 -14.15 -3.16
N ALA B 262 -13.20 -15.27 -3.81
CA ALA B 262 -12.14 -15.31 -4.82
C ALA B 262 -12.53 -14.39 -5.97
N GLU B 263 -13.80 -14.43 -6.37
CA GLU B 263 -14.28 -13.58 -7.46
C GLU B 263 -14.33 -12.11 -7.00
N ILE B 264 -14.76 -11.90 -5.76
CA ILE B 264 -14.83 -10.55 -5.20
C ILE B 264 -13.44 -9.95 -5.13
N HIS B 265 -12.49 -10.71 -4.58
CA HIS B 265 -11.11 -10.23 -4.48
C HIS B 265 -10.56 -9.88 -5.85
N GLN B 266 -10.79 -10.76 -6.84
CA GLN B 266 -10.29 -10.49 -8.18
C GLN B 266 -10.87 -9.20 -8.74
N ALA B 267 -12.16 -8.98 -8.52
CA ALA B 267 -12.83 -7.77 -9.01
C ALA B 267 -12.24 -6.50 -8.39
N PHE B 268 -12.08 -6.48 -7.07
CA PHE B 268 -11.53 -5.30 -6.41
C PHE B 268 -10.06 -5.10 -6.73
N GLU B 269 -9.33 -6.20 -6.87
CA GLU B 269 -7.92 -6.09 -7.19
C GLU B 269 -7.77 -5.44 -8.56
N THR B 270 -8.63 -5.84 -9.49
CA THR B 270 -8.59 -5.29 -10.85
C THR B 270 -8.95 -3.79 -10.83
N MET B 271 -10.02 -3.44 -10.10
CA MET B 271 -10.43 -2.04 -10.02
C MET B 271 -9.37 -1.21 -9.33
N PHE B 272 -8.79 -1.75 -8.26
CA PHE B 272 -7.76 -1.04 -7.52
C PHE B 272 -6.54 -0.77 -8.37
N GLN B 273 -6.05 -1.80 -9.06
CA GLN B 273 -4.87 -1.66 -9.90
C GLN B 273 -5.07 -0.71 -11.09
N GLU B 274 -6.28 -0.64 -11.62
CA GLU B 274 -6.56 0.23 -12.76
C GLU B 274 -6.91 1.66 -12.38
N SER B 275 -7.24 1.89 -11.11
CA SER B 275 -7.63 3.23 -10.67
C SER B 275 -6.52 4.23 -10.35
N SER B 276 -6.76 5.48 -10.72
CA SER B 276 -5.82 6.55 -10.47
C SER B 276 -6.46 7.54 -9.51
N ILE B 277 -5.64 8.18 -8.68
CA ILE B 277 -6.17 9.17 -7.75
C ILE B 277 -6.60 10.37 -8.59
N SER B 278 -7.74 10.94 -8.24
CA SER B 278 -8.27 12.08 -8.97
C SER B 278 -8.98 13.04 -8.03
N ASP B 279 -8.85 14.34 -8.28
CA ASP B 279 -9.48 15.35 -7.45
C ASP B 279 -10.90 15.64 -7.94
O1 P16 C . 26.68 -4.15 -9.38
C2 P16 C . 26.19 -3.04 -10.08
C3 P16 C . 24.72 -2.73 -9.78
C4 P16 C . 24.31 -2.32 -8.45
C5 P16 C . 22.94 -2.03 -8.18
C6 P16 C . 21.96 -2.14 -9.21
C7 P16 C . 22.34 -2.56 -10.54
N9 P16 C . 21.43 -2.71 -11.64
C10 P16 C . 20.04 -2.73 -11.62
N11 P16 C . 19.44 -2.92 -12.87
C12 P16 C . 18.08 -2.96 -12.90
C13 P16 C . 17.27 -2.81 -11.71
C16 P16 C . 15.82 -2.86 -11.72
C17 P16 C . 15.09 -2.72 -10.55
C18 P16 C . 15.80 -2.51 -9.24
O21 P16 C . 15.25 -2.37 -8.16
N19 P16 C . 17.26 -2.45 -9.27
C14 P16 C . 17.99 -2.61 -10.47
N15 P16 C . 19.36 -2.56 -10.45
C20 P16 C . 18.02 -2.24 -7.99
C22 P16 C . 13.60 -2.80 -10.53
C27 P16 C . 12.75 -1.64 -10.74
CL28 P16 C . 13.41 -0.05 -11.04
C26 P16 C . 11.33 -1.75 -10.69
C25 P16 C . 10.72 -3.02 -10.44
C24 P16 C . 11.51 -4.18 -10.25
C23 P16 C . 12.93 -4.07 -10.29
CL29 P16 C . 13.85 -5.56 -10.02
C8 P16 C . 23.73 -2.86 -10.82
O1 P16 D . -6.09 3.30 20.89
C2 P16 D . -6.33 2.98 19.55
C3 P16 D . -6.95 1.60 19.35
C4 P16 D . -8.36 1.39 19.60
C5 P16 D . -8.93 0.10 19.41
C6 P16 D . -8.14 -1.01 18.98
C7 P16 D . -6.72 -0.83 18.75
N9 P16 D . -5.83 -1.86 18.31
C10 P16 D . -5.98 -3.24 18.38
N11 P16 D . -4.90 -3.97 17.88
C12 P16 D . -5.00 -5.33 17.93
C13 P16 D . -6.15 -6.02 18.47
C16 P16 D . -6.27 -7.47 18.54
C17 P16 D . -7.41 -8.07 19.07
C18 P16 D . -8.55 -7.21 19.58
O21 P16 D . -9.59 -7.65 20.07
N19 P16 D . -8.40 -5.75 19.49
C14 P16 D . -7.23 -5.16 18.95
N15 P16 D . -7.12 -3.80 18.89
C20 P16 D . -9.49 -4.87 19.98
C22 P16 D . -7.54 -9.54 19.17
C27 P16 D . -8.13 -10.35 18.10
CL28 P16 D . -8.72 -9.65 16.61
C26 P16 D . -8.25 -11.77 18.24
C25 P16 D . -7.79 -12.43 19.43
C24 P16 D . -7.21 -11.68 20.49
C23 P16 D . -7.09 -10.27 20.37
CL29 P16 D . -6.35 -9.42 21.74
C8 P16 D . -6.14 0.49 18.92
#